data_6P3M
#
_entry.id   6P3M
#
_cell.length_a   103.693
_cell.length_b   103.693
_cell.length_c   82.812
_cell.angle_alpha   90.00
_cell.angle_beta   90.00
_cell.angle_gamma   120.00
#
_symmetry.space_group_name_H-M   'P 32 2 1'
#
loop_
_entity.id
_entity.type
_entity.pdbx_description
1 polymer 'tetrahydroprotoberberine N-methyltransferase'
2 non-polymer S-ADENOSYL-L-HOMOCYSTEINE
3 non-polymer 'SULFATE ION'
4 water water
#
_entity_poly.entity_id   1
_entity_poly.type   'polypeptide(L)'
_entity_poly.pdbx_seq_one_letter_code
;MGSSHHHHHHGTGSYITSLYKKAGWMGSNEAQVKKESIGEIMGKLMQGEIGDEELSKRIKEIFGKRLQWGYKPTHQQQLA
FNLDFIKSLKEMDMSGEIDTMNEETYELPSAFLEAAFGKTIKQSGCYFKDETTTIDEAEEASHELYCERAQIKDGQTVLD
IGCGQGGLVLHIAQKYKNCHVTGLTNSKAQKNYILMQAEKLQLSNVDVILADVTKHESDKTYDRILVIETIEHMKNIQLF
MKKLSTWMTEDSLLFVDHICHKTFSHHFEAIDEDDWYSGFIFPKGCVTILSASALLYFQDDVTILDHWVVNGMHMARSVD
AWRKKLDKNMELAREILLPGLGSKEAVNGVITHIRTFCMGGYEQFSYNNGEEWMVAQMLFKKK
;
_entity_poly.pdbx_strand_id   A
#
loop_
_chem_comp.id
_chem_comp.type
_chem_comp.name
_chem_comp.formula
SO4 non-polymer 'SULFATE ION' 'O4 S -2'
#
# COMPACT_ATOMS: atom_id res chain seq x y z
N GLU A 36 -26.20 -13.04 14.96
CA GLU A 36 -24.87 -13.72 14.91
C GLU A 36 -23.81 -12.77 15.47
N SER A 37 -22.98 -13.29 16.37
CA SER A 37 -21.92 -12.50 16.98
C SER A 37 -20.66 -12.52 16.10
N ILE A 38 -19.72 -11.63 16.41
CA ILE A 38 -18.40 -11.63 15.79
C ILE A 38 -17.75 -12.98 16.04
N GLY A 39 -17.74 -13.40 17.31
CA GLY A 39 -17.16 -14.68 17.74
C GLY A 39 -17.62 -15.84 16.85
N GLU A 40 -18.90 -15.84 16.48
CA GLU A 40 -19.51 -16.89 15.68
C GLU A 40 -19.01 -16.83 14.23
N ILE A 41 -19.02 -15.63 13.62
CA ILE A 41 -18.57 -15.50 12.25
C ILE A 41 -17.08 -15.85 12.18
N MET A 42 -16.31 -15.37 13.17
CA MET A 42 -14.88 -15.59 13.21
C MET A 42 -14.58 -17.07 13.44
N GLY A 43 -15.47 -17.74 14.17
CA GLY A 43 -15.40 -19.18 14.39
C GLY A 43 -15.44 -19.95 13.08
N LYS A 44 -16.48 -19.68 12.27
CA LYS A 44 -16.69 -20.37 11.00
C LYS A 44 -15.61 -19.99 9.98
N LEU A 45 -15.18 -18.72 10.01
CA LEU A 45 -14.20 -18.24 9.04
C LEU A 45 -12.90 -19.02 9.19
N MET A 46 -12.44 -19.15 10.44
CA MET A 46 -11.17 -19.79 10.74
C MET A 46 -11.21 -21.27 10.37
N GLN A 47 -12.40 -21.87 10.35
CA GLN A 47 -12.57 -23.29 10.09
C GLN A 47 -12.80 -23.56 8.61
N GLY A 48 -12.75 -22.51 7.78
CA GLY A 48 -12.94 -22.63 6.35
C GLY A 48 -14.36 -23.07 5.99
N GLU A 49 -15.32 -22.67 6.83
CA GLU A 49 -16.71 -23.09 6.73
C GLU A 49 -17.56 -22.01 6.05
N ILE A 50 -16.95 -20.85 5.77
CA ILE A 50 -17.61 -19.82 4.98
C ILE A 50 -17.08 -19.92 3.55
N GLY A 51 -17.96 -20.28 2.61
CA GLY A 51 -17.61 -20.32 1.20
C GLY A 51 -17.30 -18.93 0.66
N ASP A 52 -16.60 -18.88 -0.46
CA ASP A 52 -16.11 -17.64 -1.03
C ASP A 52 -17.26 -16.69 -1.35
N GLU A 53 -18.36 -17.25 -1.88
CA GLU A 53 -19.53 -16.48 -2.28
C GLU A 53 -20.06 -15.69 -1.08
N GLU A 54 -20.26 -16.39 0.04
CA GLU A 54 -20.81 -15.81 1.26
C GLU A 54 -19.81 -14.82 1.86
N LEU A 55 -18.52 -15.19 1.82
CA LEU A 55 -17.50 -14.32 2.39
C LEU A 55 -17.47 -13.00 1.63
N SER A 56 -17.50 -13.06 0.30
CA SER A 56 -17.44 -11.88 -0.54
C SER A 56 -18.66 -11.00 -0.28
N LYS A 57 -19.82 -11.65 -0.15
CA LYS A 57 -21.08 -10.96 0.09
C LYS A 57 -21.05 -10.22 1.43
N ARG A 58 -20.51 -10.87 2.47
CA ARG A 58 -20.51 -10.27 3.79
C ARG A 58 -19.58 -9.05 3.82
N ILE A 59 -18.42 -9.18 3.17
CA ILE A 59 -17.45 -8.09 3.17
C ILE A 59 -17.95 -6.93 2.30
N LYS A 60 -18.58 -7.22 1.16
CA LYS A 60 -19.15 -6.16 0.33
C LYS A 60 -20.16 -5.32 1.12
N GLU A 61 -20.95 -5.99 1.97
N GLU A 61 -20.95 -5.97 1.99
CA GLU A 61 -21.97 -5.31 2.78
CA GLU A 61 -21.97 -5.29 2.77
C GLU A 61 -21.31 -4.34 3.74
C GLU A 61 -21.33 -4.34 3.77
N ILE A 62 -20.19 -4.76 4.35
CA ILE A 62 -19.47 -3.94 5.29
C ILE A 62 -18.96 -2.68 4.56
N PHE A 63 -18.42 -2.85 3.35
CA PHE A 63 -17.93 -1.67 2.60
C PHE A 63 -19.09 -0.78 2.21
N GLY A 64 -20.21 -1.40 1.84
CA GLY A 64 -21.44 -0.67 1.54
C GLY A 64 -21.86 0.27 2.69
N LYS A 65 -21.73 -0.18 3.94
CA LYS A 65 -22.09 0.65 5.09
C LYS A 65 -21.12 1.82 5.24
N ARG A 66 -19.84 1.59 4.88
CA ARG A 66 -18.86 2.66 4.93
C ARG A 66 -19.24 3.74 3.92
N LEU A 67 -19.72 3.33 2.73
CA LEU A 67 -20.11 4.32 1.73
C LEU A 67 -21.29 5.14 2.24
N GLN A 68 -22.22 4.49 2.93
CA GLN A 68 -23.38 5.18 3.48
C GLN A 68 -22.95 6.19 4.52
N TRP A 69 -21.92 5.82 5.30
CA TRP A 69 -21.38 6.66 6.35
C TRP A 69 -20.71 7.90 5.73
N GLY A 70 -20.09 7.72 4.55
CA GLY A 70 -19.15 8.73 4.05
C GLY A 70 -19.76 9.76 3.10
N TYR A 71 -20.80 9.36 2.35
CA TYR A 71 -21.43 10.25 1.38
C TYR A 71 -22.48 11.12 2.09
N LYS A 72 -22.35 12.44 1.93
CA LYS A 72 -23.25 13.40 2.54
C LYS A 72 -24.25 13.89 1.48
N PRO A 73 -25.45 14.37 1.89
CA PRO A 73 -26.48 14.81 0.96
C PRO A 73 -26.20 16.08 0.14
N THR A 74 -25.30 16.95 0.62
CA THR A 74 -24.96 18.19 -0.05
C THR A 74 -23.45 18.38 -0.06
N HIS A 75 -22.93 19.15 -1.03
CA HIS A 75 -21.50 19.40 -1.04
C HIS A 75 -21.07 20.22 0.18
N GLN A 76 -21.98 21.09 0.66
CA GLN A 76 -21.73 21.85 1.88
C GLN A 76 -21.40 20.87 3.01
N GLN A 77 -22.23 19.84 3.18
CA GLN A 77 -22.01 18.87 4.24
C GLN A 77 -20.82 17.98 3.95
N GLN A 78 -20.59 17.65 2.68
CA GLN A 78 -19.46 16.79 2.33
C GLN A 78 -18.16 17.47 2.70
N LEU A 79 -18.04 18.78 2.40
CA LEU A 79 -16.82 19.49 2.75
C LEU A 79 -16.70 19.67 4.25
N ALA A 80 -17.83 19.83 4.96
CA ALA A 80 -17.70 19.99 6.40
C ALA A 80 -17.14 18.69 7.02
N PHE A 81 -17.67 17.56 6.54
CA PHE A 81 -17.26 16.22 6.95
C PHE A 81 -15.78 16.02 6.65
N ASN A 82 -15.38 16.38 5.42
CA ASN A 82 -14.01 16.13 4.98
C ASN A 82 -13.01 17.01 5.73
N LEU A 83 -13.36 18.28 5.96
CA LEU A 83 -12.47 19.18 6.66
C LEU A 83 -12.33 18.82 8.14
N ASP A 84 -13.40 18.30 8.74
CA ASP A 84 -13.33 17.84 10.13
C ASP A 84 -12.31 16.71 10.23
N PHE A 85 -12.33 15.81 9.25
CA PHE A 85 -11.39 14.70 9.20
C PHE A 85 -9.96 15.22 9.09
N ILE A 86 -9.73 16.14 8.14
CA ILE A 86 -8.43 16.74 7.89
C ILE A 86 -7.93 17.45 9.15
N LYS A 87 -8.81 18.21 9.82
CA LYS A 87 -8.39 18.89 11.05
C LYS A 87 -7.99 17.90 12.13
N SER A 88 -8.71 16.77 12.23
CA SER A 88 -8.44 15.79 13.27
C SER A 88 -7.04 15.17 13.07
N LEU A 89 -6.62 14.99 11.80
CA LEU A 89 -5.30 14.46 11.51
C LEU A 89 -4.21 15.41 12.03
N LYS A 90 -4.48 16.73 11.98
CA LYS A 90 -3.48 17.70 12.38
C LYS A 90 -3.28 17.73 13.90
N GLU A 91 -4.13 17.02 14.66
CA GLU A 91 -3.97 16.97 16.11
C GLU A 91 -3.18 15.72 16.55
N MET A 92 -2.88 14.82 15.61
CA MET A 92 -2.42 13.47 15.93
C MET A 92 -0.89 13.40 15.93
N ASP A 93 -0.37 12.29 16.49
CA ASP A 93 1.02 12.11 16.92
C ASP A 93 1.06 12.21 18.46
N TYR A 106 7.86 -11.26 14.65
CA TYR A 106 7.72 -12.26 13.57
C TYR A 106 7.47 -11.58 12.23
N GLU A 107 8.21 -12.02 11.21
CA GLU A 107 8.02 -11.61 9.84
C GLU A 107 7.89 -12.86 8.97
N LEU A 108 6.99 -12.81 7.98
CA LEU A 108 6.81 -13.94 7.07
C LEU A 108 8.13 -14.25 6.37
N PRO A 109 8.50 -15.54 6.21
CA PRO A 109 9.68 -15.92 5.46
C PRO A 109 9.53 -15.55 3.98
N SER A 110 10.66 -15.21 3.36
CA SER A 110 10.65 -14.64 2.01
C SER A 110 10.13 -15.68 1.02
N ALA A 111 10.30 -16.97 1.33
CA ALA A 111 9.81 -18.04 0.47
C ALA A 111 8.28 -18.06 0.41
N PHE A 112 7.63 -17.73 1.53
CA PHE A 112 6.19 -17.64 1.54
C PHE A 112 5.73 -16.45 0.69
N LEU A 113 6.40 -15.29 0.89
CA LEU A 113 6.03 -14.08 0.16
C LEU A 113 6.15 -14.33 -1.34
N GLU A 114 7.19 -15.09 -1.74
CA GLU A 114 7.44 -15.40 -3.13
C GLU A 114 6.36 -16.31 -3.70
N ALA A 115 5.74 -17.15 -2.85
CA ALA A 115 4.70 -18.05 -3.32
C ALA A 115 3.34 -17.36 -3.43
N ALA A 116 3.19 -16.17 -2.81
CA ALA A 116 1.90 -15.51 -2.77
C ALA A 116 1.86 -14.28 -3.68
N PHE A 117 2.96 -13.53 -3.72
CA PHE A 117 2.99 -12.27 -4.46
C PHE A 117 3.69 -12.47 -5.80
N GLY A 118 3.78 -11.39 -6.58
CA GLY A 118 4.49 -11.41 -7.85
C GLY A 118 6.00 -11.49 -7.66
N LYS A 119 6.73 -11.52 -8.79
CA LYS A 119 8.16 -11.76 -8.86
C LYS A 119 8.97 -10.83 -7.95
N THR A 120 8.63 -9.53 -7.88
CA THR A 120 9.42 -8.62 -7.05
C THR A 120 8.78 -8.42 -5.68
N ILE A 121 7.75 -9.20 -5.36
CA ILE A 121 7.02 -9.14 -4.11
C ILE A 121 6.51 -7.72 -3.84
N LYS A 122 5.95 -7.10 -4.89
CA LYS A 122 5.33 -5.79 -4.72
C LYS A 122 4.08 -5.95 -3.86
N GLN A 123 3.90 -5.04 -2.89
CA GLN A 123 2.80 -5.12 -1.93
C GLN A 123 2.05 -3.79 -1.98
N SER A 124 1.65 -3.42 -3.19
CA SER A 124 0.92 -2.19 -3.49
C SER A 124 0.18 -2.48 -4.77
N GLY A 125 -0.85 -1.68 -5.08
CA GLY A 125 -1.62 -1.85 -6.30
C GLY A 125 -0.73 -1.85 -7.54
N CYS A 126 -1.02 -2.74 -8.50
CA CYS A 126 -0.25 -2.84 -9.73
C CYS A 126 -1.12 -2.33 -10.88
N TYR A 127 -0.63 -2.45 -12.12
CA TYR A 127 -1.34 -1.80 -13.22
C TYR A 127 -1.50 -2.83 -14.33
N PHE A 128 -2.76 -3.15 -14.68
CA PHE A 128 -3.07 -4.23 -15.61
C PHE A 128 -3.62 -3.66 -16.93
N LYS A 129 -2.80 -3.71 -17.97
CA LYS A 129 -3.25 -3.20 -19.25
C LYS A 129 -4.37 -4.07 -19.83
N ASP A 130 -4.20 -5.39 -19.79
CA ASP A 130 -5.10 -6.35 -20.42
C ASP A 130 -5.72 -7.29 -19.40
N GLU A 131 -6.77 -8.00 -19.84
CA GLU A 131 -7.43 -9.04 -19.06
C GLU A 131 -6.42 -10.14 -18.72
N THR A 132 -5.49 -10.40 -19.65
CA THR A 132 -4.58 -11.51 -19.47
C THR A 132 -3.22 -11.06 -18.90
N THR A 133 -3.10 -9.79 -18.48
CA THR A 133 -1.82 -9.33 -17.92
C THR A 133 -1.56 -10.12 -16.64
N THR A 134 -0.34 -10.65 -16.51
CA THR A 134 0.05 -11.41 -15.33
C THR A 134 0.47 -10.45 -14.21
N ILE A 135 0.49 -10.93 -12.96
CA ILE A 135 0.93 -10.08 -11.86
C ILE A 135 2.37 -9.62 -12.07
N ASP A 136 3.26 -10.48 -12.64
CA ASP A 136 4.62 -10.04 -12.89
C ASP A 136 4.67 -8.87 -13.87
N GLU A 137 3.83 -8.93 -14.92
CA GLU A 137 3.79 -7.85 -15.88
C GLU A 137 3.21 -6.57 -15.26
N ALA A 138 2.22 -6.75 -14.39
CA ALA A 138 1.53 -5.64 -13.76
C ALA A 138 2.44 -4.92 -12.78
N GLU A 139 3.31 -5.66 -12.07
CA GLU A 139 4.32 -5.05 -11.22
C GLU A 139 5.23 -4.14 -12.05
N GLU A 140 5.77 -4.68 -13.15
CA GLU A 140 6.67 -3.90 -13.99
C GLU A 140 5.97 -2.65 -14.56
N ALA A 141 4.72 -2.82 -15.03
CA ALA A 141 3.94 -1.72 -15.59
C ALA A 141 3.74 -0.62 -14.54
N SER A 142 3.50 -1.03 -13.29
N SER A 142 3.49 -1.00 -13.28
CA SER A 142 3.26 -0.11 -12.20
CA SER A 142 3.27 0.01 -12.26
C SER A 142 4.55 0.66 -11.87
C SER A 142 4.59 0.71 -11.90
N HIS A 143 5.69 -0.05 -11.82
CA HIS A 143 7.01 0.56 -11.64
C HIS A 143 7.27 1.61 -12.72
N GLU A 144 6.93 1.27 -13.97
N GLU A 144 6.95 1.26 -13.97
CA GLU A 144 7.17 2.17 -15.10
CA GLU A 144 7.17 2.18 -15.08
C GLU A 144 6.31 3.42 -14.98
C GLU A 144 6.32 3.43 -14.91
N LEU A 145 5.05 3.25 -14.54
CA LEU A 145 4.15 4.37 -14.34
C LEU A 145 4.69 5.32 -13.27
N TYR A 146 5.21 4.80 -12.15
CA TYR A 146 5.81 5.65 -11.13
C TYR A 146 7.01 6.42 -11.69
N CYS A 147 7.86 5.75 -12.47
CA CYS A 147 9.05 6.40 -13.04
C CYS A 147 8.66 7.55 -13.97
N GLU A 148 7.59 7.34 -14.75
N GLU A 148 7.62 7.36 -14.80
CA GLU A 148 7.05 8.32 -15.69
CA GLU A 148 7.13 8.40 -15.67
C GLU A 148 6.48 9.53 -14.94
C GLU A 148 6.62 9.57 -14.81
N ARG A 149 5.64 9.28 -13.94
CA ARG A 149 4.93 10.35 -13.23
C ARG A 149 5.83 11.10 -12.25
N ALA A 150 6.82 10.40 -11.66
CA ALA A 150 7.77 11.06 -10.78
C ALA A 150 8.92 11.71 -11.56
N GLN A 151 8.90 11.60 -12.89
CA GLN A 151 9.89 12.26 -13.75
C GLN A 151 11.32 11.82 -13.37
N ILE A 152 11.53 10.51 -13.23
CA ILE A 152 12.85 9.98 -12.94
C ILE A 152 13.72 10.13 -14.17
N LYS A 153 14.96 10.59 -13.95
CA LYS A 153 15.94 10.73 -15.02
C LYS A 153 17.26 10.14 -14.53
N ASP A 154 18.02 9.57 -15.48
CA ASP A 154 19.30 8.96 -15.14
C ASP A 154 20.19 10.01 -14.47
N GLY A 155 20.91 9.59 -13.43
CA GLY A 155 21.81 10.49 -12.72
C GLY A 155 21.25 11.03 -11.40
N GLN A 156 19.92 10.89 -11.18
CA GLN A 156 19.34 11.47 -9.99
C GLN A 156 19.60 10.60 -8.75
N THR A 157 19.62 11.24 -7.57
CA THR A 157 19.53 10.55 -6.30
C THR A 157 18.06 10.32 -5.98
N VAL A 158 17.72 9.09 -5.54
CA VAL A 158 16.33 8.68 -5.40
C VAL A 158 16.17 8.02 -4.04
N LEU A 159 15.12 8.41 -3.29
CA LEU A 159 14.81 7.80 -2.00
C LEU A 159 13.41 7.20 -2.07
N ASP A 160 13.30 5.92 -1.69
CA ASP A 160 12.04 5.21 -1.70
C ASP A 160 11.63 4.94 -0.25
N ILE A 161 10.60 5.63 0.22
CA ILE A 161 10.24 5.63 1.64
C ILE A 161 9.24 4.50 1.92
N GLY A 162 9.61 3.60 2.83
CA GLY A 162 8.81 2.40 3.03
C GLY A 162 8.87 1.48 1.80
N CYS A 163 10.10 1.09 1.42
CA CYS A 163 10.37 0.46 0.13
C CYS A 163 9.94 -1.01 0.08
N GLY A 164 9.51 -1.60 1.21
CA GLY A 164 9.03 -2.97 1.17
C GLY A 164 10.13 -3.94 0.75
N GLN A 165 9.81 -4.84 -0.18
N GLN A 165 9.81 -4.84 -0.18
CA GLN A 165 10.79 -5.82 -0.64
CA GLN A 165 10.78 -5.82 -0.65
C GLN A 165 11.65 -5.26 -1.77
C GLN A 165 11.68 -5.24 -1.76
N GLY A 166 11.49 -3.95 -2.07
CA GLY A 166 12.43 -3.21 -2.91
C GLY A 166 12.25 -3.33 -4.42
N GLY A 167 11.07 -3.78 -4.88
CA GLY A 167 10.85 -3.93 -6.33
C GLY A 167 11.10 -2.63 -7.10
N LEU A 168 10.64 -1.50 -6.54
CA LEU A 168 10.81 -0.23 -7.25
C LEU A 168 12.27 0.24 -7.17
N VAL A 169 12.91 0.07 -6.00
CA VAL A 169 14.33 0.43 -5.85
C VAL A 169 15.15 -0.33 -6.90
N LEU A 170 14.90 -1.64 -7.02
CA LEU A 170 15.64 -2.48 -7.97
C LEU A 170 15.31 -2.11 -9.42
N HIS A 171 14.06 -1.75 -9.68
CA HIS A 171 13.67 -1.35 -11.03
C HIS A 171 14.44 -0.12 -11.46
N ILE A 172 14.43 0.93 -10.60
CA ILE A 172 15.06 2.18 -10.96
C ILE A 172 16.58 1.98 -11.09
N ALA A 173 17.16 1.20 -10.17
CA ALA A 173 18.60 0.98 -10.19
C ALA A 173 19.03 0.30 -11.50
N GLN A 174 18.21 -0.62 -11.99
CA GLN A 174 18.56 -1.37 -13.20
C GLN A 174 18.34 -0.51 -14.44
N LYS A 175 17.28 0.30 -14.45
CA LYS A 175 16.89 1.04 -15.65
C LYS A 175 17.75 2.29 -15.80
N TYR A 176 18.22 2.83 -14.67
CA TYR A 176 18.96 4.08 -14.66
C TYR A 176 20.30 3.89 -13.93
N LYS A 177 21.33 3.47 -14.67
CA LYS A 177 22.56 3.02 -14.02
C LYS A 177 23.31 4.14 -13.31
N ASN A 178 23.04 5.40 -13.68
CA ASN A 178 23.75 6.51 -13.04
C ASN A 178 22.92 7.10 -11.89
N CYS A 179 21.70 6.60 -11.68
CA CYS A 179 21.00 6.98 -10.46
C CYS A 179 21.63 6.29 -9.26
N HIS A 180 21.69 6.99 -8.12
N HIS A 180 21.54 6.93 -8.09
CA HIS A 180 21.86 6.29 -6.86
CA HIS A 180 21.90 6.29 -6.82
C HIS A 180 20.50 6.17 -6.20
C HIS A 180 20.65 6.19 -5.96
N VAL A 181 20.18 4.95 -5.78
CA VAL A 181 18.84 4.64 -5.28
C VAL A 181 18.95 4.12 -3.86
N THR A 182 18.26 4.77 -2.92
CA THR A 182 18.24 4.35 -1.54
C THR A 182 16.82 3.94 -1.16
N GLY A 183 16.68 2.73 -0.63
CA GLY A 183 15.42 2.33 0.00
C GLY A 183 15.48 2.58 1.49
N LEU A 184 14.34 2.97 2.09
CA LEU A 184 14.24 3.12 3.55
C LEU A 184 13.10 2.23 4.02
N THR A 185 13.42 1.35 4.97
CA THR A 185 12.43 0.43 5.53
C THR A 185 12.74 0.23 7.01
N ASN A 186 11.69 -0.14 7.77
CA ASN A 186 11.84 -0.35 9.20
C ASN A 186 12.05 -1.83 9.49
N SER A 187 12.19 -2.64 8.43
CA SER A 187 12.32 -4.09 8.56
C SER A 187 13.72 -4.56 8.18
N LYS A 188 14.41 -5.23 9.12
CA LYS A 188 15.73 -5.78 8.87
C LYS A 188 15.67 -6.87 7.80
N ALA A 189 14.60 -7.69 7.83
CA ALA A 189 14.43 -8.77 6.87
C ALA A 189 14.30 -8.19 5.46
N GLN A 190 13.59 -7.06 5.34
CA GLN A 190 13.42 -6.46 4.03
C GLN A 190 14.74 -5.87 3.53
N LYS A 191 15.48 -5.19 4.42
CA LYS A 191 16.78 -4.65 4.05
C LYS A 191 17.65 -5.78 3.50
N ASN A 192 17.69 -6.89 4.23
CA ASN A 192 18.55 -8.03 3.88
C ASN A 192 18.16 -8.59 2.52
N TYR A 193 16.86 -8.67 2.25
CA TYR A 193 16.34 -9.23 1.01
C TYR A 193 16.75 -8.35 -0.17
N ILE A 194 16.61 -7.03 0.00
CA ILE A 194 16.95 -6.10 -1.05
C ILE A 194 18.44 -6.16 -1.38
N LEU A 195 19.29 -6.18 -0.35
CA LEU A 195 20.73 -6.16 -0.60
C LEU A 195 21.17 -7.45 -1.28
N MET A 196 20.56 -8.57 -0.90
CA MET A 196 20.82 -9.82 -1.59
C MET A 196 20.41 -9.74 -3.06
N GLN A 197 19.21 -9.19 -3.33
CA GLN A 197 18.74 -9.12 -4.71
C GLN A 197 19.66 -8.21 -5.52
N ALA A 198 20.09 -7.09 -4.92
CA ALA A 198 20.94 -6.16 -5.66
C ALA A 198 22.26 -6.86 -6.03
N GLU A 199 22.77 -7.67 -5.11
CA GLU A 199 23.99 -8.45 -5.35
C GLU A 199 23.81 -9.43 -6.50
N LYS A 200 22.69 -10.16 -6.51
CA LYS A 200 22.45 -11.16 -7.56
C LYS A 200 22.27 -10.48 -8.91
N LEU A 201 21.71 -9.26 -8.90
CA LEU A 201 21.43 -8.53 -10.13
C LEU A 201 22.62 -7.70 -10.61
N GLN A 202 23.75 -7.73 -9.87
CA GLN A 202 24.97 -7.01 -10.23
C GLN A 202 24.71 -5.50 -10.22
N LEU A 203 23.96 -5.05 -9.22
CA LEU A 203 23.69 -3.62 -9.10
C LEU A 203 24.64 -3.03 -8.06
N SER A 204 25.23 -1.87 -8.40
CA SER A 204 26.20 -1.27 -7.52
C SER A 204 25.66 0.06 -7.00
N ASN A 205 24.42 0.40 -7.35
CA ASN A 205 23.94 1.74 -7.10
C ASN A 205 22.76 1.73 -6.12
N VAL A 206 22.72 0.71 -5.25
CA VAL A 206 21.63 0.56 -4.29
C VAL A 206 22.16 0.60 -2.86
N ASP A 207 21.45 1.34 -2.00
CA ASP A 207 21.68 1.19 -0.57
C ASP A 207 20.33 1.18 0.15
N VAL A 208 20.34 0.70 1.40
CA VAL A 208 19.10 0.62 2.17
C VAL A 208 19.35 1.21 3.55
N ILE A 209 18.49 2.15 3.95
CA ILE A 209 18.49 2.68 5.30
C ILE A 209 17.49 1.88 6.13
N LEU A 210 17.96 1.33 7.27
CA LEU A 210 17.06 0.69 8.21
C LEU A 210 16.65 1.73 9.27
N ALA A 211 15.39 2.15 9.23
CA ALA A 211 14.95 3.24 10.09
C ALA A 211 13.42 3.24 10.16
N ASP A 212 12.89 3.63 11.32
CA ASP A 212 11.53 4.13 11.42
C ASP A 212 11.57 5.55 10.86
N VAL A 213 10.84 5.79 9.76
CA VAL A 213 10.98 7.04 9.04
C VAL A 213 10.57 8.22 9.94
N THR A 214 9.67 7.97 10.90
CA THR A 214 9.17 9.03 11.76
C THR A 214 10.26 9.52 12.72
N LYS A 215 11.35 8.73 12.87
CA LYS A 215 12.42 9.00 13.82
C LYS A 215 13.73 9.33 13.11
N HIS A 216 13.81 9.05 11.80
CA HIS A 216 15.02 9.18 11.02
C HIS A 216 15.45 10.65 10.94
N GLU A 217 16.70 10.93 11.31
CA GLU A 217 17.26 12.26 11.18
C GLU A 217 18.46 12.20 10.25
N SER A 218 18.46 13.08 9.23
CA SER A 218 19.57 13.15 8.30
C SER A 218 19.62 14.53 7.64
N ASP A 219 20.82 14.90 7.22
CA ASP A 219 21.06 16.15 6.51
C ASP A 219 21.01 15.92 5.00
N LYS A 220 21.04 14.64 4.60
CA LYS A 220 21.07 14.24 3.20
C LYS A 220 19.80 14.70 2.47
N THR A 221 19.97 15.18 1.23
CA THR A 221 18.83 15.52 0.37
C THR A 221 18.85 14.63 -0.87
N TYR A 222 17.72 14.55 -1.57
CA TYR A 222 17.54 13.68 -2.74
C TYR A 222 16.81 14.45 -3.83
N ASP A 223 17.15 14.15 -5.09
CA ASP A 223 16.49 14.73 -6.24
C ASP A 223 15.04 14.25 -6.33
N ARG A 224 14.80 13.01 -5.90
CA ARG A 224 13.48 12.40 -6.02
C ARG A 224 13.18 11.61 -4.76
N ILE A 225 11.99 11.84 -4.21
CA ILE A 225 11.50 11.05 -3.09
C ILE A 225 10.19 10.39 -3.51
N LEU A 226 10.10 9.08 -3.30
CA LEU A 226 8.93 8.30 -3.71
C LEU A 226 8.31 7.67 -2.48
N VAL A 227 6.98 7.71 -2.39
CA VAL A 227 6.27 7.14 -1.25
C VAL A 227 5.11 6.32 -1.80
N ILE A 228 5.27 4.99 -1.91
CA ILE A 228 4.28 4.16 -2.59
C ILE A 228 3.48 3.39 -1.53
N GLU A 229 2.26 3.85 -1.26
CA GLU A 229 1.36 3.22 -0.30
C GLU A 229 1.99 3.05 1.09
N THR A 230 2.79 4.05 1.50
CA THR A 230 3.37 4.10 2.84
C THR A 230 2.63 5.12 3.70
N ILE A 231 2.12 6.19 3.07
CA ILE A 231 1.57 7.30 3.85
C ILE A 231 0.33 6.86 4.63
N GLU A 232 -0.37 5.82 4.13
CA GLU A 232 -1.54 5.26 4.82
C GLU A 232 -1.18 4.76 6.21
N HIS A 233 0.12 4.51 6.45
CA HIS A 233 0.56 3.97 7.73
C HIS A 233 1.03 5.09 8.67
N MET A 234 0.88 6.35 8.24
CA MET A 234 1.53 7.45 8.95
C MET A 234 0.59 8.07 9.97
N LYS A 235 1.13 8.19 11.20
CA LYS A 235 0.42 8.73 12.34
C LYS A 235 0.15 10.23 12.16
N ASN A 236 1.21 11.03 11.94
CA ASN A 236 1.01 12.45 11.74
C ASN A 236 1.55 12.89 10.37
N ILE A 237 0.65 13.47 9.56
CA ILE A 237 0.87 13.62 8.13
C ILE A 237 1.40 15.02 7.81
N GLN A 238 0.96 16.03 8.58
CA GLN A 238 1.56 17.35 8.49
C GLN A 238 3.05 17.22 8.86
N LEU A 239 3.36 16.42 9.89
CA LEU A 239 4.72 16.27 10.33
C LEU A 239 5.53 15.43 9.35
N PHE A 240 4.88 14.43 8.74
CA PHE A 240 5.53 13.58 7.76
C PHE A 240 5.96 14.41 6.55
N MET A 241 5.01 15.17 5.98
CA MET A 241 5.31 15.96 4.79
C MET A 241 6.38 17.00 5.11
N LYS A 242 6.32 17.57 6.33
CA LYS A 242 7.33 18.52 6.78
C LYS A 242 8.71 17.87 6.79
N LYS A 243 8.81 16.65 7.35
CA LYS A 243 10.09 15.96 7.42
C LYS A 243 10.62 15.68 6.01
N LEU A 244 9.74 15.18 5.12
CA LEU A 244 10.15 14.91 3.75
C LEU A 244 10.68 16.17 3.08
N SER A 245 10.06 17.32 3.35
CA SER A 245 10.50 18.55 2.71
C SER A 245 11.94 18.93 3.09
N THR A 246 12.37 18.55 4.30
CA THR A 246 13.73 18.87 4.74
C THR A 246 14.76 17.98 4.06
N TRP A 247 14.29 16.95 3.33
CA TRP A 247 15.19 16.07 2.59
C TRP A 247 15.14 16.39 1.10
N MET A 248 14.59 17.56 0.75
CA MET A 248 14.48 18.00 -0.63
C MET A 248 15.27 19.30 -0.81
N THR A 249 15.68 19.56 -2.05
CA THR A 249 16.19 20.86 -2.44
C THR A 249 15.16 21.53 -3.33
N GLU A 250 15.50 22.71 -3.85
CA GLU A 250 14.60 23.44 -4.74
C GLU A 250 14.42 22.71 -6.08
N ASP A 251 15.27 21.72 -6.36
CA ASP A 251 15.21 21.00 -7.62
C ASP A 251 14.53 19.64 -7.46
N SER A 252 14.15 19.27 -6.23
CA SER A 252 13.63 17.92 -5.96
C SER A 252 12.15 17.81 -6.35
N LEU A 253 11.70 16.57 -6.58
CA LEU A 253 10.26 16.29 -6.63
C LEU A 253 9.94 15.15 -5.67
N LEU A 254 8.70 15.17 -5.18
CA LEU A 254 8.15 14.19 -4.25
C LEU A 254 6.94 13.58 -4.95
N PHE A 255 6.90 12.24 -5.03
CA PHE A 255 5.78 11.53 -5.63
C PHE A 255 5.16 10.63 -4.58
N VAL A 256 3.84 10.77 -4.36
CA VAL A 256 3.12 9.98 -3.36
C VAL A 256 2.01 9.21 -4.07
N ASP A 257 1.89 7.91 -3.75
CA ASP A 257 0.80 7.08 -4.24
C ASP A 257 0.15 6.51 -2.98
N HIS A 258 -1.19 6.62 -2.88
CA HIS A 258 -1.88 6.10 -1.70
C HIS A 258 -3.26 5.57 -2.07
N ILE A 259 -3.66 4.49 -1.39
CA ILE A 259 -5.03 4.03 -1.53
C ILE A 259 -5.94 5.16 -1.05
N CYS A 260 -7.11 5.28 -1.70
CA CYS A 260 -8.00 6.38 -1.39
C CYS A 260 -9.46 5.97 -1.59
N HIS A 261 -10.38 6.83 -1.14
CA HIS A 261 -11.74 6.83 -1.68
C HIS A 261 -11.85 8.13 -2.46
N LYS A 262 -12.65 8.15 -3.54
CA LYS A 262 -12.66 9.34 -4.38
C LYS A 262 -13.30 10.55 -3.70
N THR A 263 -14.11 10.34 -2.65
CA THR A 263 -14.97 11.40 -2.14
C THR A 263 -14.63 11.77 -0.69
N PHE A 264 -14.40 10.76 0.16
CA PHE A 264 -14.21 11.01 1.58
C PHE A 264 -13.02 10.22 2.11
N SER A 265 -12.61 10.58 3.34
CA SER A 265 -11.52 9.93 4.08
C SER A 265 -12.12 9.06 5.18
N HIS A 266 -11.40 8.01 5.60
CA HIS A 266 -11.79 7.28 6.79
C HIS A 266 -10.62 6.47 7.34
N HIS A 267 -10.65 6.21 8.66
CA HIS A 267 -9.75 5.22 9.21
C HIS A 267 -10.28 3.85 8.88
N PHE A 268 -9.35 2.89 8.73
CA PHE A 268 -9.73 1.54 8.40
C PHE A 268 -10.03 0.82 9.72
N GLU A 269 -11.27 0.93 10.16
CA GLU A 269 -11.67 0.48 11.47
C GLU A 269 -13.15 0.14 11.43
N ALA A 270 -13.63 -0.63 12.41
CA ALA A 270 -14.97 -1.18 12.38
C ALA A 270 -16.03 -0.09 12.21
N ILE A 271 -16.93 -0.31 11.25
CA ILE A 271 -18.00 0.61 10.90
C ILE A 271 -19.09 0.53 11.97
N ASP A 272 -19.24 -0.65 12.59
CA ASP A 272 -20.24 -0.87 13.63
C ASP A 272 -19.91 -2.15 14.39
N GLU A 273 -20.84 -2.61 15.23
CA GLU A 273 -20.64 -3.78 16.08
C GLU A 273 -20.74 -5.08 15.27
N ASP A 274 -21.34 -5.00 14.08
CA ASP A 274 -21.48 -6.13 13.17
C ASP A 274 -20.21 -6.36 12.34
N ASP A 275 -19.24 -5.42 12.40
CA ASP A 275 -18.08 -5.46 11.51
C ASP A 275 -16.96 -6.29 12.14
N TRP A 276 -16.87 -7.55 11.71
CA TRP A 276 -15.84 -8.49 12.15
C TRP A 276 -14.58 -8.34 11.29
N TYR A 277 -14.70 -7.67 10.13
CA TYR A 277 -13.66 -7.66 9.10
C TYR A 277 -12.53 -6.68 9.42
N SER A 278 -12.89 -5.41 9.63
CA SER A 278 -11.92 -4.33 9.64
C SER A 278 -10.83 -4.59 10.69
N GLY A 279 -11.27 -4.97 11.89
CA GLY A 279 -10.36 -5.19 13.02
C GLY A 279 -9.62 -6.53 12.91
N PHE A 280 -10.20 -7.48 12.18
CA PHE A 280 -9.47 -8.71 11.88
C PHE A 280 -8.28 -8.40 10.95
N ILE A 281 -8.51 -7.54 9.95
CA ILE A 281 -7.46 -7.26 8.98
C ILE A 281 -6.37 -6.42 9.63
N PHE A 282 -6.78 -5.36 10.36
CA PHE A 282 -5.87 -4.48 11.04
C PHE A 282 -6.26 -4.43 12.52
N PRO A 283 -5.86 -5.44 13.34
CA PRO A 283 -6.26 -5.53 14.74
C PRO A 283 -5.70 -4.46 15.67
N LYS A 284 -4.61 -3.81 15.26
CA LYS A 284 -4.08 -2.66 15.95
C LYS A 284 -4.63 -1.40 15.30
N GLY A 285 -4.95 -1.52 14.01
CA GLY A 285 -5.36 -0.38 13.21
C GLY A 285 -4.14 0.38 12.68
N CYS A 286 -4.26 1.71 12.67
CA CYS A 286 -3.28 2.64 12.11
C CYS A 286 -3.09 2.39 10.61
N VAL A 287 -4.21 2.22 9.90
CA VAL A 287 -4.27 2.47 8.46
C VAL A 287 -5.34 3.53 8.20
N THR A 288 -4.96 4.58 7.49
CA THR A 288 -5.85 5.68 7.13
C THR A 288 -6.06 5.68 5.62
N ILE A 289 -7.33 5.75 5.20
CA ILE A 289 -7.69 5.88 3.79
C ILE A 289 -8.09 7.34 3.55
N LEU A 290 -7.13 8.11 3.02
CA LEU A 290 -7.38 9.50 2.68
C LEU A 290 -8.30 9.57 1.46
N SER A 291 -9.08 10.66 1.37
CA SER A 291 -9.82 10.90 0.14
C SER A 291 -8.81 11.17 -0.99
N ALA A 292 -9.29 11.13 -2.24
CA ALA A 292 -8.41 11.40 -3.38
C ALA A 292 -7.80 12.80 -3.36
N SER A 293 -8.39 13.72 -2.59
N SER A 293 -8.39 13.71 -2.57
CA SER A 293 -7.93 15.11 -2.59
CA SER A 293 -7.97 15.11 -2.58
C SER A 293 -7.41 15.55 -1.22
C SER A 293 -7.37 15.54 -1.24
N ALA A 294 -7.37 14.62 -0.26
CA ALA A 294 -6.98 14.96 1.11
C ALA A 294 -5.59 15.60 1.18
N LEU A 295 -4.60 15.10 0.41
CA LEU A 295 -3.26 15.64 0.57
C LEU A 295 -3.13 17.06 0.02
N LEU A 296 -4.13 17.54 -0.71
CA LEU A 296 -4.08 18.91 -1.18
C LEU A 296 -4.12 19.87 0.01
N TYR A 297 -4.59 19.37 1.17
CA TYR A 297 -4.68 20.21 2.38
C TYR A 297 -3.42 20.10 3.23
N PHE A 298 -2.39 19.41 2.70
CA PHE A 298 -1.15 19.26 3.45
C PHE A 298 0.00 19.86 2.65
N GLN A 299 -0.18 21.13 2.24
CA GLN A 299 0.80 21.88 1.45
C GLN A 299 1.46 23.00 2.26
N ASP A 300 1.66 22.78 3.55
CA ASP A 300 2.43 23.75 4.34
C ASP A 300 3.86 23.86 3.81
N ASP A 301 4.42 22.73 3.39
CA ASP A 301 5.86 22.61 3.21
C ASP A 301 6.24 22.15 1.81
N VAL A 302 5.24 21.67 1.04
CA VAL A 302 5.44 21.26 -0.36
C VAL A 302 4.28 21.86 -1.16
N THR A 303 4.43 21.90 -2.48
CA THR A 303 3.41 22.48 -3.35
C THR A 303 3.11 21.54 -4.50
N ILE A 304 1.82 21.35 -4.77
CA ILE A 304 1.37 20.36 -5.75
C ILE A 304 1.71 20.85 -7.17
N LEU A 305 2.13 19.89 -8.02
CA LEU A 305 2.39 20.13 -9.43
C LEU A 305 1.43 19.30 -10.29
N ASP A 306 1.05 18.09 -9.84
CA ASP A 306 0.15 17.27 -10.64
C ASP A 306 -0.55 16.27 -9.73
N HIS A 307 -1.65 15.70 -10.23
CA HIS A 307 -2.60 14.94 -9.43
C HIS A 307 -3.31 13.96 -10.37
N TRP A 308 -3.33 12.67 -10.01
CA TRP A 308 -4.02 11.67 -10.80
C TRP A 308 -4.75 10.69 -9.87
N VAL A 309 -5.68 9.92 -10.43
CA VAL A 309 -6.10 8.68 -9.77
C VAL A 309 -6.07 7.55 -10.79
N VAL A 310 -5.87 6.33 -10.27
CA VAL A 310 -5.93 5.09 -11.02
C VAL A 310 -7.16 4.33 -10.54
N ASN A 311 -8.04 3.95 -11.47
CA ASN A 311 -9.29 3.27 -11.17
C ASN A 311 -9.02 2.02 -10.34
N GLY A 312 -9.96 1.70 -9.43
CA GLY A 312 -9.79 0.66 -8.42
C GLY A 312 -9.70 -0.75 -8.98
N MET A 313 -10.12 -0.96 -10.24
CA MET A 313 -10.06 -2.31 -10.80
C MET A 313 -8.61 -2.80 -10.90
N HIS A 314 -7.63 -1.88 -11.04
CA HIS A 314 -6.23 -2.27 -11.03
C HIS A 314 -5.84 -2.90 -9.69
N MET A 315 -6.22 -2.24 -8.60
CA MET A 315 -5.99 -2.81 -7.27
C MET A 315 -6.75 -4.13 -7.12
N ALA A 316 -8.02 -4.15 -7.57
CA ALA A 316 -8.82 -5.38 -7.46
C ALA A 316 -8.13 -6.54 -8.17
N ARG A 317 -7.61 -6.28 -9.37
CA ARG A 317 -6.93 -7.33 -10.12
C ARG A 317 -5.64 -7.74 -9.42
N SER A 318 -5.01 -6.79 -8.69
CA SER A 318 -3.79 -7.11 -7.98
C SER A 318 -4.09 -8.11 -6.85
N VAL A 319 -5.10 -7.81 -6.02
CA VAL A 319 -5.37 -8.66 -4.87
C VAL A 319 -5.93 -10.00 -5.33
N ASP A 320 -6.64 -10.00 -6.48
CA ASP A 320 -7.16 -11.23 -7.05
C ASP A 320 -6.01 -12.16 -7.46
N ALA A 321 -4.98 -11.57 -8.08
CA ALA A 321 -3.83 -12.34 -8.53
C ALA A 321 -3.10 -12.95 -7.34
N TRP A 322 -2.95 -12.18 -6.23
CA TRP A 322 -2.31 -12.67 -5.01
C TRP A 322 -3.10 -13.84 -4.43
N ARG A 323 -4.42 -13.69 -4.37
CA ARG A 323 -5.30 -14.70 -3.79
C ARG A 323 -5.21 -16.00 -4.59
N LYS A 324 -5.24 -15.87 -5.92
CA LYS A 324 -5.23 -17.04 -6.79
C LYS A 324 -3.87 -17.76 -6.74
N LYS A 325 -2.78 -17.00 -6.63
CA LYS A 325 -1.44 -17.58 -6.56
C LYS A 325 -1.25 -18.29 -5.21
N LEU A 326 -1.70 -17.65 -4.12
CA LEU A 326 -1.67 -18.29 -2.81
C LEU A 326 -2.47 -19.59 -2.83
N ASP A 327 -3.66 -19.54 -3.41
CA ASP A 327 -4.51 -20.72 -3.55
C ASP A 327 -3.79 -21.83 -4.32
N LYS A 328 -3.14 -21.47 -5.44
CA LYS A 328 -2.44 -22.45 -6.27
C LYS A 328 -1.31 -23.10 -5.48
N ASN A 329 -0.64 -22.30 -4.64
CA ASN A 329 0.56 -22.71 -3.94
C ASN A 329 0.26 -23.02 -2.48
N MET A 330 -1.00 -23.39 -2.19
CA MET A 330 -1.47 -23.48 -0.82
C MET A 330 -0.66 -24.51 -0.01
N GLU A 331 -0.43 -25.68 -0.62
CA GLU A 331 0.24 -26.77 0.07
C GLU A 331 1.67 -26.37 0.41
N LEU A 332 2.37 -25.79 -0.56
CA LEU A 332 3.74 -25.33 -0.41
C LEU A 332 3.81 -24.27 0.70
N ALA A 333 2.82 -23.37 0.72
CA ALA A 333 2.80 -22.25 1.65
C ALA A 333 2.70 -22.76 3.09
N ARG A 334 1.82 -23.75 3.29
CA ARG A 334 1.59 -24.35 4.59
C ARG A 334 2.86 -25.04 5.07
N GLU A 335 3.59 -25.65 4.13
CA GLU A 335 4.84 -26.31 4.42
C GLU A 335 5.91 -25.28 4.83
N ILE A 336 5.98 -24.16 4.11
CA ILE A 336 6.98 -23.14 4.36
C ILE A 336 6.78 -22.52 5.74
N LEU A 337 5.52 -22.29 6.13
CA LEU A 337 5.21 -21.49 7.30
C LEU A 337 5.40 -22.30 8.59
N LEU A 338 5.20 -23.62 8.51
CA LEU A 338 5.08 -24.48 9.67
C LEU A 338 6.27 -24.34 10.63
N PRO A 339 7.54 -24.49 10.16
CA PRO A 339 8.71 -24.34 11.04
C PRO A 339 8.65 -23.10 11.94
N GLY A 340 8.34 -21.94 11.36
CA GLY A 340 8.46 -20.68 12.08
C GLY A 340 7.22 -20.36 12.91
N LEU A 341 6.13 -21.09 12.69
CA LEU A 341 4.87 -20.78 13.34
C LEU A 341 4.54 -21.83 14.41
N GLY A 342 5.01 -23.06 14.19
CA GLY A 342 5.09 -24.04 15.27
C GLY A 342 3.88 -24.95 15.39
N SER A 343 2.81 -24.67 14.63
CA SER A 343 1.62 -25.52 14.61
C SER A 343 0.81 -25.28 13.35
N LYS A 344 0.12 -26.33 12.89
CA LYS A 344 -0.74 -26.29 11.72
C LYS A 344 -1.88 -25.27 11.90
N GLU A 345 -2.30 -25.08 13.16
CA GLU A 345 -3.38 -24.16 13.51
C GLU A 345 -2.90 -22.72 13.33
N ALA A 346 -1.65 -22.45 13.71
CA ALA A 346 -1.12 -21.10 13.62
C ALA A 346 -0.87 -20.73 12.16
N VAL A 347 -0.47 -21.74 11.36
CA VAL A 347 -0.28 -21.60 9.93
C VAL A 347 -1.62 -21.29 9.26
N ASN A 348 -2.66 -22.04 9.61
CA ASN A 348 -3.97 -21.85 9.01
C ASN A 348 -4.49 -20.44 9.29
N GLY A 349 -4.15 -19.92 10.48
CA GLY A 349 -4.56 -18.60 10.92
C GLY A 349 -3.94 -17.50 10.06
N VAL A 350 -2.62 -17.60 9.85
CA VAL A 350 -1.88 -16.61 9.07
C VAL A 350 -2.41 -16.60 7.64
N ILE A 351 -2.69 -17.79 7.10
CA ILE A 351 -3.14 -17.95 5.73
C ILE A 351 -4.55 -17.40 5.57
N THR A 352 -5.43 -17.68 6.55
CA THR A 352 -6.80 -17.20 6.54
C THR A 352 -6.81 -15.67 6.54
N HIS A 353 -5.92 -15.08 7.34
CA HIS A 353 -5.84 -13.64 7.46
C HIS A 353 -5.45 -12.99 6.13
N ILE A 354 -4.44 -13.57 5.46
CA ILE A 354 -3.93 -13.02 4.21
C ILE A 354 -4.96 -13.24 3.09
N ARG A 355 -5.56 -14.42 3.06
CA ARG A 355 -6.52 -14.73 2.02
C ARG A 355 -7.76 -13.84 2.16
N THR A 356 -8.18 -13.62 3.41
CA THR A 356 -9.38 -12.80 3.66
C THR A 356 -9.12 -11.34 3.28
N PHE A 357 -7.89 -10.88 3.55
CA PHE A 357 -7.45 -9.56 3.15
C PHE A 357 -7.59 -9.37 1.64
N CYS A 358 -7.20 -10.38 0.86
CA CYS A 358 -7.34 -10.32 -0.60
C CYS A 358 -8.80 -10.39 -1.04
N MET A 359 -9.59 -11.27 -0.40
CA MET A 359 -11.00 -11.39 -0.73
C MET A 359 -11.74 -10.08 -0.44
N GLY A 360 -11.41 -9.47 0.69
CA GLY A 360 -12.02 -8.20 1.11
C GLY A 360 -11.58 -7.05 0.23
N GLY A 361 -10.28 -7.01 -0.06
CA GLY A 361 -9.72 -5.98 -0.94
C GLY A 361 -10.40 -6.02 -2.30
N TYR A 362 -10.71 -7.24 -2.78
CA TYR A 362 -11.37 -7.36 -4.06
C TYR A 362 -12.70 -6.63 -4.04
N GLU A 363 -13.49 -6.86 -2.99
CA GLU A 363 -14.82 -6.24 -2.91
C GLU A 363 -14.69 -4.73 -2.78
N GLN A 364 -13.72 -4.28 -1.98
CA GLN A 364 -13.51 -2.86 -1.73
C GLN A 364 -13.20 -2.14 -3.04
N PHE A 365 -12.19 -2.63 -3.76
CA PHE A 365 -11.66 -1.85 -4.87
C PHE A 365 -12.45 -2.07 -6.15
N SER A 366 -13.18 -3.19 -6.25
CA SER A 366 -13.98 -3.46 -7.45
C SER A 366 -15.36 -2.81 -7.36
N TYR A 367 -15.72 -2.32 -6.17
CA TYR A 367 -17.02 -1.72 -5.91
C TYR A 367 -17.35 -0.67 -6.98
N ASN A 368 -18.54 -0.80 -7.61
CA ASN A 368 -18.98 0.14 -8.64
C ASN A 368 -17.92 0.28 -9.73
N ASN A 369 -17.36 -0.86 -10.15
CA ASN A 369 -16.43 -0.91 -11.28
C ASN A 369 -15.20 -0.04 -11.03
N GLY A 370 -14.75 0.01 -9.78
CA GLY A 370 -13.48 0.67 -9.46
C GLY A 370 -13.63 2.16 -9.16
N GLU A 371 -14.88 2.63 -9.05
CA GLU A 371 -15.17 4.05 -8.91
C GLU A 371 -15.56 4.46 -7.48
N GLU A 372 -15.14 3.69 -6.47
CA GLU A 372 -15.28 4.10 -5.08
C GLU A 372 -13.89 4.20 -4.43
N TRP A 373 -13.31 3.04 -4.08
CA TRP A 373 -11.94 3.01 -3.59
C TRP A 373 -10.98 2.79 -4.76
N MET A 374 -9.87 3.54 -4.76
CA MET A 374 -8.97 3.53 -5.90
C MET A 374 -7.59 3.99 -5.41
N VAL A 375 -6.71 4.42 -6.32
CA VAL A 375 -5.38 4.84 -5.91
C VAL A 375 -5.18 6.29 -6.33
N ALA A 376 -4.73 7.14 -5.41
CA ALA A 376 -4.42 8.53 -5.73
C ALA A 376 -2.91 8.69 -5.89
N GLN A 377 -2.50 9.59 -6.79
CA GLN A 377 -1.10 9.91 -6.97
C GLN A 377 -0.92 11.42 -7.07
N MET A 378 0.12 11.94 -6.42
CA MET A 378 0.41 13.37 -6.43
C MET A 378 1.91 13.62 -6.64
N LEU A 379 2.22 14.68 -7.39
CA LEU A 379 3.59 15.13 -7.56
C LEU A 379 3.72 16.51 -6.93
N PHE A 380 4.76 16.68 -6.10
CA PHE A 380 4.99 17.95 -5.42
C PHE A 380 6.42 18.43 -5.60
N LYS A 381 6.62 19.75 -5.45
CA LYS A 381 7.95 20.30 -5.26
C LYS A 381 7.99 20.91 -3.86
N LYS A 382 9.21 21.25 -3.41
CA LYS A 382 9.38 21.93 -2.14
C LYS A 382 8.87 23.36 -2.26
N LYS A 383 8.26 23.86 -1.18
CA LYS A 383 7.82 25.26 -1.09
C LYS A 383 8.76 26.17 -1.89
N SAH B . 6.39 0.66 -1.15
CA SAH B . 6.38 -0.85 -1.02
CB SAH B . 5.77 -1.27 0.32
CG SAH B . 4.38 -0.71 0.52
SD SAH B . 3.63 -1.24 2.10
C SAH B . 5.57 -1.47 -2.16
O SAH B . 4.95 -0.74 -2.95
OXT SAH B . 5.51 -2.73 -2.29
C5' SAH B . 4.14 0.10 3.21
C4' SAH B . 5.54 -0.15 3.70
O4' SAH B . 5.97 0.91 4.60
C3' SAH B . 5.66 -1.45 4.50
O3' SAH B . 6.89 -2.08 4.20
C2' SAH B . 5.66 -0.94 5.94
O2' SAH B . 6.16 -1.86 6.87
C1' SAH B . 6.55 0.29 5.74
N9 SAH B . 6.51 1.19 6.89
C8 SAH B . 5.40 1.46 7.65
N7 SAH B . 5.62 2.32 8.62
C5 SAH B . 6.97 2.64 8.48
C6 SAH B . 7.81 3.50 9.21
N6 SAH B . 7.41 4.23 10.24
N1 SAH B . 9.12 3.57 8.82
C2 SAH B . 9.51 2.86 7.76
N3 SAH B . 8.80 2.02 7.01
C4 SAH B . 7.53 1.95 7.42
S SO4 C . -13.56 -0.08 7.24
O1 SO4 C . -13.41 1.34 7.12
O2 SO4 C . -13.36 -0.72 5.95
O3 SO4 C . -12.61 -0.59 8.18
O4 SO4 C . -14.91 -0.38 7.69
#